data_4QVS
#
_entry.id   4QVS
#
_cell.length_a   65.958
_cell.length_b   74.813
_cell.length_c   98.398
_cell.angle_alpha   90.00
_cell.angle_beta   90.00
_cell.angle_gamma   90.00
#
_symmetry.space_group_name_H-M   'C 2 2 21'
#
loop_
_entity.id
_entity.type
_entity.pdbx_description
1 polymer 'S-layer domain-containing protein'
2 non-polymer 'CHLORIDE ION'
3 non-polymer 'SODIUM ION'
4 water water
#
_entity_poly.entity_id   1
_entity_poly.type   'polypeptide(L)'
_entity_poly.pdbx_seq_one_letter_code
;SNAETGAWY(MSE)FDEAVEGSTNEFKDYKGNHGNAVLYSANGVVPGLNGNSVSLDGVDDYVALPDGIAGTFYNFTIAFW
VRLDTIGEQPIFDFFDSGSNNKY(MSE)RLTAESDGKIKFA(MSE)TQSGYYGEKTITSGSALTEGVWKHVAVTLSGDTG
TLYINGENVGENNTLSLRPLTFLGETSKGYIGKSHQTDSSEDPYYNSYLHG(MSE)IDDFRIFDRALSADEIKTLASVAT
RVN
;
_entity_poly.pdbx_strand_id   A
#
loop_
_chem_comp.id
_chem_comp.type
_chem_comp.name
_chem_comp.formula
CL non-polymer 'CHLORIDE ION' 'Cl -1'
NA non-polymer 'SODIUM ION' 'Na 1'
#
# COMPACT_ATOMS: atom_id res chain seq x y z
N GLU A 4 18.27 -4.13 -24.93
CA GLU A 4 17.45 -3.95 -23.69
C GLU A 4 18.29 -3.73 -22.44
N THR A 5 17.61 -3.36 -21.36
CA THR A 5 18.23 -3.28 -20.04
C THR A 5 17.21 -3.80 -19.03
N GLY A 6 17.59 -3.87 -17.77
CA GLY A 6 16.69 -4.35 -16.73
C GLY A 6 16.63 -5.86 -16.60
N ALA A 7 15.80 -6.30 -15.67
CA ALA A 7 15.63 -7.71 -15.38
C ALA A 7 14.17 -8.12 -15.17
N TRP A 8 13.95 -9.43 -15.27
CA TRP A 8 12.65 -10.05 -15.06
C TRP A 8 12.79 -11.47 -14.54
N TYR A 9 12.45 -11.67 -13.27
CA TYR A 9 12.45 -12.98 -12.64
C TYR A 9 11.01 -13.51 -12.60
N MSE A 10 10.79 -14.57 -13.35
CA MSE A 10 9.47 -15.19 -13.47
C MSE A 10 9.37 -16.30 -12.48
O MSE A 10 8.30 -16.80 -12.22
CB MSE A 10 9.29 -15.75 -14.87
CG MSE A 10 9.29 -14.66 -15.93
SE MSE A 10 8.93 -15.59 -17.63
CE MSE A 10 7.00 -15.75 -17.24
N PHE A 11 10.52 -16.74 -11.95
CA PHE A 11 10.54 -17.77 -10.93
C PHE A 11 9.70 -19.02 -11.26
N ASP A 12 9.71 -19.46 -12.52
CA ASP A 12 8.93 -20.64 -12.94
C ASP A 12 9.65 -21.96 -12.84
N GLU A 13 10.97 -21.96 -13.03
CA GLU A 13 11.69 -23.22 -13.06
C GLU A 13 13.18 -22.97 -12.90
N ALA A 14 13.82 -23.73 -12.02
CA ALA A 14 15.24 -23.60 -11.75
C ALA A 14 16.04 -23.85 -13.01
N VAL A 15 17.18 -23.17 -13.13
CA VAL A 15 18.00 -23.45 -14.28
C VAL A 15 18.61 -24.84 -14.18
N GLU A 16 18.81 -25.43 -15.35
CA GLU A 16 19.37 -26.77 -15.49
C GLU A 16 20.67 -26.81 -14.66
N GLY A 17 20.91 -27.90 -13.96
CA GLY A 17 22.15 -28.02 -13.19
C GLY A 17 22.03 -27.52 -11.77
N SER A 18 20.87 -26.97 -11.42
CA SER A 18 20.68 -26.52 -10.06
C SER A 18 19.27 -26.75 -9.63
N THR A 19 19.09 -26.50 -8.35
CA THR A 19 17.86 -26.64 -7.67
C THR A 19 17.28 -25.29 -7.18
N ASN A 20 18.06 -24.23 -7.24
CA ASN A 20 17.65 -22.97 -6.65
C ASN A 20 18.00 -21.74 -7.42
N GLU A 21 18.37 -21.87 -8.69
CA GLU A 21 18.71 -20.70 -9.47
C GLU A 21 17.64 -20.38 -10.50
N PHE A 22 17.36 -19.10 -10.62
CA PHE A 22 16.31 -18.59 -11.51
C PHE A 22 16.85 -17.45 -12.37
N LYS A 23 16.71 -17.62 -13.68
CA LYS A 23 17.29 -16.67 -14.61
C LYS A 23 16.51 -15.41 -14.76
N ASP A 24 17.24 -14.41 -15.25
CA ASP A 24 16.69 -13.15 -15.66
C ASP A 24 16.22 -13.33 -17.12
N TYR A 25 14.92 -13.33 -17.35
N TYR A 25 14.91 -13.34 -17.34
CA TYR A 25 14.39 -13.46 -18.72
CA TYR A 25 14.36 -13.50 -18.69
C TYR A 25 14.85 -12.40 -19.71
C TYR A 25 14.81 -12.40 -19.69
N LYS A 26 15.27 -11.24 -19.20
CA LYS A 26 15.76 -10.16 -20.09
C LYS A 26 17.21 -10.46 -20.51
N GLY A 27 17.87 -11.42 -19.85
CA GLY A 27 19.25 -11.81 -20.26
C GLY A 27 20.22 -10.67 -20.09
N ASN A 28 20.06 -9.93 -18.99
CA ASN A 28 20.97 -8.84 -18.66
C ASN A 28 21.66 -9.02 -17.32
N HIS A 29 21.17 -9.93 -16.49
CA HIS A 29 21.74 -10.12 -15.15
C HIS A 29 21.80 -11.58 -14.82
N GLY A 30 22.66 -11.89 -13.84
CA GLY A 30 22.83 -13.25 -13.34
C GLY A 30 21.61 -13.84 -12.69
N ASN A 31 21.76 -15.07 -12.25
CA ASN A 31 20.67 -15.80 -11.67
C ASN A 31 20.29 -15.34 -10.29
N ALA A 32 18.98 -15.27 -10.04
CA ALA A 32 18.50 -15.04 -8.67
C ALA A 32 18.69 -16.34 -7.92
N VAL A 33 19.02 -16.29 -6.63
CA VAL A 33 19.17 -17.50 -5.88
C VAL A 33 18.13 -17.56 -4.77
N LEU A 34 17.44 -18.68 -4.70
CA LEU A 34 16.39 -18.89 -3.69
C LEU A 34 16.90 -19.73 -2.53
N TYR A 35 16.63 -19.28 -1.30
CA TYR A 35 16.92 -20.01 -0.08
C TYR A 35 15.54 -20.26 0.56
N SER A 36 14.99 -21.45 0.33
CA SER A 36 13.68 -21.84 0.85
C SER A 36 13.55 -23.33 0.72
N ALA A 37 13.06 -23.98 1.76
CA ALA A 37 12.86 -25.41 1.68
C ALA A 37 11.60 -25.69 0.84
N ASN A 38 10.80 -24.66 0.58
CA ASN A 38 9.58 -24.86 -0.22
C ASN A 38 9.89 -25.03 -1.69
N GLY A 39 10.91 -24.31 -2.20
CA GLY A 39 11.17 -24.29 -3.65
C GLY A 39 10.06 -23.40 -4.29
N VAL A 40 9.91 -23.45 -5.61
CA VAL A 40 8.85 -22.65 -6.27
C VAL A 40 7.59 -23.52 -6.35
N VAL A 41 6.42 -22.89 -6.32
CA VAL A 41 5.17 -23.67 -6.31
C VAL A 41 4.10 -22.97 -7.14
N PRO A 42 2.99 -23.69 -7.50
CA PRO A 42 1.96 -23.01 -8.30
C PRO A 42 1.63 -21.67 -7.69
N GLY A 43 1.63 -20.61 -8.49
CA GLY A 43 1.26 -19.28 -7.98
C GLY A 43 0.46 -18.46 -8.98
N LEU A 44 0.81 -17.18 -9.10
CA LEU A 44 0.09 -16.29 -10.01
C LEU A 44 0.33 -16.60 -11.49
N ASN A 45 1.59 -16.57 -11.94
CA ASN A 45 1.93 -16.87 -13.34
C ASN A 45 2.88 -18.02 -13.42
N GLY A 46 2.31 -19.21 -13.55
CA GLY A 46 3.05 -20.45 -13.59
C GLY A 46 3.41 -20.75 -12.15
N ASN A 47 4.68 -20.62 -11.83
CA ASN A 47 5.14 -20.80 -10.48
C ASN A 47 5.60 -19.48 -9.91
N SER A 48 5.67 -19.49 -8.58
CA SER A 48 6.00 -18.35 -7.75
C SER A 48 6.85 -18.79 -6.53
N VAL A 49 7.69 -17.88 -6.05
CA VAL A 49 8.46 -18.13 -4.82
C VAL A 49 7.54 -18.11 -3.61
N SER A 50 7.71 -19.07 -2.70
CA SER A 50 6.99 -19.11 -1.45
C SER A 50 7.98 -19.07 -0.26
N LEU A 51 7.96 -17.96 0.50
CA LEU A 51 8.87 -17.72 1.63
C LEU A 51 8.14 -18.01 2.94
N ASP A 52 8.80 -18.75 3.84
CA ASP A 52 8.19 -19.17 5.07
C ASP A 52 7.98 -18.07 6.10
N GLY A 53 8.59 -16.92 5.91
CA GLY A 53 8.48 -15.86 6.90
C GLY A 53 9.40 -16.12 8.10
N VAL A 54 10.27 -17.10 8.00
CA VAL A 54 11.16 -17.48 9.11
C VAL A 54 12.58 -17.18 8.71
N ASP A 55 13.06 -17.78 7.63
CA ASP A 55 14.44 -17.54 7.22
C ASP A 55 14.67 -17.63 5.72
N ASP A 56 13.59 -17.66 4.96
CA ASP A 56 13.66 -17.75 3.51
C ASP A 56 13.78 -16.40 2.84
N TYR A 57 14.51 -16.37 1.73
CA TYR A 57 14.69 -15.13 0.94
C TYR A 57 15.25 -15.40 -0.44
N VAL A 58 15.44 -14.34 -1.21
CA VAL A 58 16.00 -14.46 -2.51
C VAL A 58 17.16 -13.52 -2.60
N ALA A 59 18.29 -14.02 -3.11
CA ALA A 59 19.46 -13.20 -3.33
C ALA A 59 19.43 -12.85 -4.80
N LEU A 60 19.57 -11.55 -5.09
CA LEU A 60 19.62 -11.09 -6.46
C LEU A 60 21.09 -10.86 -6.74
N PRO A 61 21.47 -10.83 -8.02
CA PRO A 61 22.93 -10.64 -8.28
C PRO A 61 23.34 -9.20 -8.01
N ASP A 62 24.59 -9.02 -7.59
CA ASP A 62 25.13 -7.70 -7.25
C ASP A 62 25.00 -6.76 -8.42
N GLY A 63 24.77 -5.48 -8.15
CA GLY A 63 24.70 -4.44 -9.19
C GLY A 63 23.36 -4.28 -9.92
N ILE A 64 22.44 -5.16 -9.68
CA ILE A 64 21.22 -5.13 -10.46
C ILE A 64 20.50 -3.78 -10.50
N ALA A 65 20.56 -2.99 -9.42
CA ALA A 65 19.89 -1.67 -9.37
C ALA A 65 20.73 -0.42 -9.10
N GLY A 66 22.03 -0.56 -8.82
CA GLY A 66 22.85 0.61 -8.45
C GLY A 66 23.52 1.42 -9.56
N THR A 67 23.06 1.30 -10.79
CA THR A 67 23.69 2.04 -11.87
C THR A 67 22.70 2.95 -12.59
N PHE A 68 21.54 3.18 -11.97
CA PHE A 68 20.50 3.93 -12.62
C PHE A 68 20.14 5.20 -11.89
N TYR A 69 19.83 6.25 -12.64
CA TYR A 69 19.40 7.45 -12.00
C TYR A 69 17.90 7.29 -11.70
N ASN A 70 17.08 7.10 -12.73
CA ASN A 70 15.65 6.87 -12.55
C ASN A 70 15.40 5.40 -12.70
N PHE A 71 14.35 4.88 -12.05
CA PHE A 71 14.09 3.44 -12.13
C PHE A 71 12.68 3.04 -11.70
N THR A 72 12.38 1.77 -11.94
CA THR A 72 11.18 1.12 -11.48
C THR A 72 11.47 -0.27 -10.95
N ILE A 73 10.87 -0.58 -9.81
CA ILE A 73 10.90 -1.90 -9.29
C ILE A 73 9.45 -2.32 -9.14
N ALA A 74 9.12 -3.45 -9.74
CA ALA A 74 7.74 -3.87 -9.74
C ALA A 74 7.63 -5.36 -9.65
N PHE A 75 6.64 -5.82 -8.93
CA PHE A 75 6.44 -7.23 -8.77
C PHE A 75 5.07 -7.51 -8.24
N TRP A 76 4.72 -8.77 -8.28
CA TRP A 76 3.49 -9.22 -7.67
C TRP A 76 3.83 -9.83 -6.34
N VAL A 77 2.97 -9.62 -5.35
CA VAL A 77 3.13 -10.20 -4.05
C VAL A 77 1.84 -10.68 -3.38
N ARG A 78 1.92 -11.80 -2.64
CA ARG A 78 0.81 -12.27 -1.80
C ARG A 78 1.31 -12.33 -0.35
N LEU A 79 0.92 -11.34 0.44
CA LEU A 79 1.34 -11.21 1.82
C LEU A 79 0.56 -12.09 2.79
N ASP A 80 1.24 -13.10 3.36
CA ASP A 80 0.60 -14.07 4.25
C ASP A 80 0.63 -13.73 5.73
N THR A 81 1.39 -12.69 6.10
CA THR A 81 1.37 -12.20 7.48
C THR A 81 1.52 -10.69 7.46
N ILE A 82 0.56 -10.05 8.10
CA ILE A 82 0.54 -8.60 8.29
C ILE A 82 1.47 -8.25 9.45
N GLY A 83 2.48 -7.44 9.16
CA GLY A 83 3.46 -7.02 10.16
C GLY A 83 4.70 -6.42 9.54
N GLU A 84 5.65 -6.03 10.39
CA GLU A 84 6.86 -5.37 9.94
C GLU A 84 7.79 -6.43 9.32
N GLN A 85 8.02 -6.29 8.01
CA GLN A 85 8.82 -7.24 7.22
C GLN A 85 9.47 -6.59 5.99
N PRO A 86 10.72 -6.95 5.66
CA PRO A 86 11.39 -6.38 4.48
C PRO A 86 10.86 -7.05 3.24
N ILE A 87 10.51 -6.28 2.21
CA ILE A 87 10.07 -6.87 0.97
C ILE A 87 11.27 -6.95 0.03
N PHE A 88 11.97 -5.84 -0.15
CA PHE A 88 13.23 -5.83 -0.90
C PHE A 88 14.24 -4.86 -0.25
N ASP A 89 15.50 -5.06 -0.55
CA ASP A 89 16.56 -4.22 0.04
C ASP A 89 17.75 -4.31 -0.89
N PHE A 90 18.16 -3.14 -1.35
CA PHE A 90 19.29 -2.98 -2.21
C PHE A 90 20.16 -2.02 -1.43
N PHE A 91 21.36 -2.47 -1.12
CA PHE A 91 22.22 -1.74 -0.20
C PHE A 91 23.71 -1.80 -0.62
N ASP A 92 24.45 -0.76 -0.25
CA ASP A 92 25.88 -0.62 -0.53
C ASP A 92 26.61 -1.80 0.10
N SER A 93 27.44 -2.49 -0.69
CA SER A 93 28.22 -3.59 -0.13
C SER A 93 29.34 -3.04 0.83
N GLY A 94 29.74 -1.79 0.66
CA GLY A 94 30.77 -1.18 1.53
C GLY A 94 30.34 -0.54 2.86
N SER A 95 29.05 -0.37 3.10
CA SER A 95 28.63 0.25 4.36
C SER A 95 27.25 -0.26 4.63
N ASN A 96 26.73 0.06 5.79
CA ASN A 96 25.46 -0.46 6.18
C ASN A 96 24.38 0.65 6.24
N ASN A 97 24.73 1.89 5.83
CA ASN A 97 23.87 3.08 5.99
C ASN A 97 23.50 3.80 4.69
N LYS A 98 23.68 3.09 3.57
CA LYS A 98 23.45 3.55 2.22
C LYS A 98 22.63 2.45 1.56
N TYR A 99 21.33 2.69 1.42
CA TYR A 99 20.46 1.65 0.91
C TYR A 99 19.09 2.18 0.54
N MSE A 100 18.29 1.31 -0.11
CA MSE A 100 16.88 1.62 -0.38
C MSE A 100 16.20 0.31 -0.12
O MSE A 100 16.71 -0.75 -0.46
CB MSE A 100 16.65 2.37 -1.68
CG MSE A 100 16.60 1.46 -2.89
SE MSE A 100 16.92 2.53 -4.49
CE MSE A 100 16.51 0.90 -5.42
N ARG A 101 15.06 0.37 0.57
CA ARG A 101 14.37 -0.78 1.05
C ARG A 101 12.82 -0.62 1.05
N LEU A 102 12.10 -1.61 0.57
CA LEU A 102 10.62 -1.52 0.54
C LEU A 102 10.20 -2.45 1.64
N THR A 103 9.31 -1.96 2.51
CA THR A 103 8.86 -2.75 3.61
C THR A 103 7.32 -2.80 3.73
N ALA A 104 6.87 -3.92 4.29
CA ALA A 104 5.51 -4.11 4.73
C ALA A 104 5.47 -3.50 6.13
N GLU A 105 4.37 -2.83 6.45
CA GLU A 105 4.23 -2.15 7.74
C GLU A 105 3.31 -2.85 8.74
N SER A 106 3.19 -2.29 9.94
CA SER A 106 2.35 -2.89 11.01
C SER A 106 0.92 -3.21 10.63
N ASP A 107 0.44 -2.71 9.51
CA ASP A 107 -0.97 -2.87 9.20
C ASP A 107 -1.37 -3.18 7.76
N GLY A 108 -0.43 -3.55 6.91
CA GLY A 108 -0.77 -3.85 5.50
C GLY A 108 -0.33 -2.71 4.60
N LYS A 109 -0.03 -1.56 5.20
CA LYS A 109 0.58 -0.48 4.43
C LYS A 109 1.97 -0.97 4.01
N ILE A 110 2.60 -0.21 3.11
CA ILE A 110 3.95 -0.49 2.63
C ILE A 110 4.72 0.82 2.68
N LYS A 111 6.02 0.71 2.85
CA LYS A 111 6.88 1.88 2.92
C LYS A 111 8.13 1.68 2.11
N PHE A 112 8.52 2.72 1.42
CA PHE A 112 9.71 2.71 0.66
C PHE A 112 10.58 3.76 1.30
N ALA A 113 11.84 3.41 1.49
CA ALA A 113 12.84 4.27 2.14
C ALA A 113 14.14 4.25 1.37
N MSE A 114 14.78 5.41 1.29
CA MSE A 114 16.09 5.59 0.68
C MSE A 114 16.84 6.38 1.69
O MSE A 114 16.28 7.32 2.28
CB MSE A 114 16.09 6.47 -0.57
CG MSE A 114 15.13 5.96 -1.66
SE MSE A 114 15.61 6.63 -3.44
CE MSE A 114 17.48 6.04 -3.53
N THR A 115 18.11 6.00 1.90
CA THR A 115 18.95 6.74 2.82
C THR A 115 20.40 6.63 2.43
N GLN A 116 21.08 7.67 2.84
CA GLN A 116 22.47 7.85 2.67
C GLN A 116 23.07 8.05 4.08
N SER A 117 22.26 8.08 5.15
CA SER A 117 22.82 8.29 6.48
C SER A 117 22.22 7.35 7.49
N GLY A 118 22.08 6.09 7.11
CA GLY A 118 21.55 5.08 8.00
C GLY A 118 20.05 5.19 8.25
N TYR A 119 19.61 4.35 9.19
CA TYR A 119 18.22 4.22 9.56
C TYR A 119 17.55 5.53 9.94
N TYR A 120 18.24 6.38 10.68
CA TYR A 120 17.64 7.63 11.13
C TYR A 120 17.58 8.67 10.09
N GLY A 121 18.13 8.41 8.91
CA GLY A 121 18.08 9.40 7.86
C GLY A 121 17.17 8.97 6.74
N GLU A 122 16.42 7.92 6.93
CA GLU A 122 15.55 7.48 5.84
C GLU A 122 14.58 8.54 5.36
N LYS A 123 14.51 8.69 4.04
CA LYS A 123 13.52 9.53 3.37
C LYS A 123 12.56 8.47 2.86
N THR A 124 11.27 8.65 3.15
CA THR A 124 10.31 7.61 2.91
C THR A 124 9.04 7.99 2.17
N ILE A 125 8.34 6.97 1.70
CA ILE A 125 7.01 7.12 1.10
C ILE A 125 6.22 6.00 1.73
N THR A 126 5.05 6.33 2.26
CA THR A 126 4.22 5.34 2.93
C THR A 126 2.82 5.30 2.34
N SER A 127 2.26 4.12 2.10
CA SER A 127 0.91 4.03 1.54
C SER A 127 -0.18 4.48 2.54
N GLY A 128 -1.40 4.73 2.04
CA GLY A 128 -2.52 5.27 2.86
C GLY A 128 -3.19 4.34 3.86
N SER A 129 -3.78 4.89 4.91
CA SER A 129 -4.51 4.08 5.90
C SER A 129 -5.88 3.69 5.27
N ALA A 130 -6.53 2.73 5.92
CA ALA A 130 -7.84 2.17 5.55
C ALA A 130 -8.53 1.81 6.88
N LEU A 131 -9.81 1.43 6.86
CA LEU A 131 -10.51 1.04 8.11
C LEU A 131 -10.35 -0.43 8.40
N THR A 132 -9.80 -0.74 9.57
CA THR A 132 -9.46 -2.10 9.98
C THR A 132 -10.54 -2.63 10.88
N GLU A 133 -10.83 -3.93 10.76
CA GLU A 133 -11.90 -4.54 11.53
C GLU A 133 -11.63 -4.45 13.02
N GLY A 134 -12.65 -4.07 13.76
CA GLY A 134 -12.55 -3.98 15.21
C GLY A 134 -11.62 -2.91 15.77
N VAL A 135 -11.16 -1.98 14.93
CA VAL A 135 -10.27 -0.91 15.36
C VAL A 135 -10.85 0.50 15.22
N TRP A 136 -11.07 1.19 16.34
CA TRP A 136 -11.57 2.58 16.34
C TRP A 136 -10.72 3.50 15.49
N LYS A 137 -11.32 4.21 14.54
CA LYS A 137 -10.56 5.18 13.75
C LYS A 137 -11.39 6.47 13.59
N HIS A 138 -10.73 7.59 13.32
CA HIS A 138 -11.43 8.84 13.11
C HIS A 138 -11.59 9.07 11.62
N VAL A 139 -12.80 9.40 11.20
CA VAL A 139 -13.00 9.69 9.79
C VAL A 139 -13.58 11.09 9.59
N ALA A 140 -13.16 11.77 8.54
CA ALA A 140 -13.70 13.09 8.22
C ALA A 140 -13.75 13.29 6.72
N VAL A 141 -14.77 14.04 6.28
CA VAL A 141 -14.91 14.48 4.93
C VAL A 141 -14.98 15.99 5.02
N THR A 142 -14.31 16.70 4.14
CA THR A 142 -14.34 18.18 4.08
C THR A 142 -14.63 18.62 2.64
N LEU A 143 -15.48 19.63 2.46
CA LEU A 143 -15.75 20.20 1.13
C LEU A 143 -15.37 21.67 1.21
N SER A 144 -14.45 22.08 0.33
CA SER A 144 -13.97 23.46 0.27
C SER A 144 -13.96 23.89 -1.18
N GLY A 145 -15.00 24.62 -1.57
CA GLY A 145 -15.11 25.03 -2.95
C GLY A 145 -15.26 23.73 -3.71
N ASP A 146 -14.53 23.60 -4.82
CA ASP A 146 -14.60 22.38 -5.67
C ASP A 146 -13.80 21.18 -5.15
N THR A 147 -13.05 21.37 -4.07
CA THR A 147 -12.22 20.31 -3.54
C THR A 147 -12.78 19.60 -2.32
N GLY A 148 -12.91 18.29 -2.42
CA GLY A 148 -13.41 17.46 -1.32
C GLY A 148 -12.28 16.59 -0.81
N THR A 149 -12.19 16.37 0.50
CA THR A 149 -11.10 15.56 1.06
C THR A 149 -11.53 14.53 2.11
N LEU A 150 -10.98 13.32 1.98
CA LEU A 150 -11.20 12.26 2.93
C LEU A 150 -10.03 12.18 3.84
N TYR A 151 -10.33 11.99 5.12
CA TYR A 151 -9.33 11.82 6.16
C TYR A 151 -9.63 10.62 7.04
N ILE A 152 -8.57 9.87 7.36
CA ILE A 152 -8.63 8.78 8.33
C ILE A 152 -7.59 9.14 9.38
N ASN A 153 -7.98 9.14 10.65
CA ASN A 153 -7.10 9.61 11.74
C ASN A 153 -6.29 10.85 11.39
N GLY A 154 -6.92 11.82 10.73
CA GLY A 154 -6.28 13.11 10.43
C GLY A 154 -5.28 13.14 9.28
N GLU A 155 -5.24 12.05 8.52
CA GLU A 155 -4.38 11.90 7.37
C GLU A 155 -5.21 11.94 6.12
N ASN A 156 -4.76 12.72 5.15
CA ASN A 156 -5.43 12.85 3.85
C ASN A 156 -5.25 11.58 3.02
N VAL A 157 -6.39 10.98 2.67
CA VAL A 157 -6.41 9.70 1.93
C VAL A 157 -7.14 9.72 0.56
N GLY A 158 -7.49 10.91 0.07
CA GLY A 158 -8.16 11.06 -1.21
C GLY A 158 -8.70 12.48 -1.36
N GLU A 159 -8.77 12.95 -2.61
CA GLU A 159 -9.32 14.26 -3.00
C GLU A 159 -9.96 14.19 -4.37
N ASN A 160 -10.84 15.15 -4.62
CA ASN A 160 -11.44 15.28 -5.92
C ASN A 160 -11.71 16.77 -6.05
N ASN A 161 -10.86 17.39 -6.86
CA ASN A 161 -10.88 18.82 -7.06
C ASN A 161 -11.95 19.28 -8.04
N THR A 162 -12.82 18.38 -8.50
CA THR A 162 -13.86 18.72 -9.46
C THR A 162 -15.27 18.67 -8.88
N LEU A 163 -15.45 18.95 -7.59
CA LEU A 163 -16.77 18.86 -6.99
C LEU A 163 -17.50 20.21 -6.87
N SER A 164 -18.29 20.54 -7.90
CA SER A 164 -19.07 21.77 -7.93
C SER A 164 -20.48 21.59 -7.43
N LEU A 165 -20.96 20.36 -7.35
CA LEU A 165 -22.32 20.10 -6.86
C LEU A 165 -22.63 20.74 -5.50
N PRO A 167 -26.38 19.76 -4.40
CA PRO A 167 -27.51 18.81 -4.57
C PRO A 167 -28.66 19.07 -3.61
N LEU A 168 -28.35 19.18 -2.32
CA LEU A 168 -29.32 19.44 -1.25
C LEU A 168 -29.41 20.93 -1.04
N THR A 169 -28.25 21.60 -1.15
CA THR A 169 -28.07 23.03 -0.91
C THR A 169 -28.40 23.85 -2.16
N PHE A 170 -29.40 24.76 -2.14
CA PHE A 170 -30.29 25.07 -1.01
C PHE A 170 -31.59 24.23 -1.18
N LEU A 171 -32.60 24.48 -0.35
CA LEU A 171 -33.84 23.67 -0.22
C LEU A 171 -33.49 22.43 0.62
N GLY A 172 -32.33 22.52 1.26
CA GLY A 172 -31.80 21.49 2.12
C GLY A 172 -32.44 21.53 3.49
N GLU A 173 -33.13 22.62 3.82
CA GLU A 173 -33.92 22.74 5.07
C GLU A 173 -34.67 21.41 5.46
N THR A 174 -35.35 20.77 4.52
CA THR A 174 -36.03 19.49 4.79
C THR A 174 -35.16 18.23 4.44
N SER A 175 -33.86 18.35 4.32
CA SER A 175 -33.06 17.15 4.00
C SER A 175 -33.05 16.11 5.13
N LYS A 176 -33.01 14.84 4.77
CA LYS A 176 -33.02 13.73 5.72
C LYS A 176 -31.57 13.22 5.93
N GLY A 177 -31.31 12.66 7.10
CA GLY A 177 -29.98 12.15 7.40
C GLY A 177 -30.04 10.90 8.23
N TYR A 178 -29.20 9.92 7.83
CA TYR A 178 -29.00 8.71 8.60
C TYR A 178 -27.52 8.47 8.89
N ILE A 179 -27.26 7.72 9.93
CA ILE A 179 -25.95 7.16 10.16
C ILE A 179 -26.23 5.68 10.10
N GLY A 180 -25.57 4.96 9.19
CA GLY A 180 -25.69 3.52 9.16
C GLY A 180 -26.77 2.91 8.28
N LYS A 181 -27.50 3.76 7.57
CA LYS A 181 -28.57 3.34 6.70
C LYS A 181 -28.46 4.29 5.53
N SER A 182 -28.83 3.78 4.37
CA SER A 182 -28.99 4.58 3.19
C SER A 182 -30.49 4.63 2.81
N HIS A 183 -30.91 5.70 2.17
CA HIS A 183 -32.25 5.77 1.56
C HIS A 183 -32.20 4.99 0.25
N GLN A 184 -33.37 4.78 -0.35
CA GLN A 184 -33.48 4.04 -1.59
C GLN A 184 -33.16 4.97 -2.73
N THR A 185 -32.11 4.66 -3.50
CA THR A 185 -31.80 5.50 -4.67
C THR A 185 -32.63 5.05 -5.87
N ASP A 186 -32.43 5.67 -7.04
CA ASP A 186 -33.12 5.34 -8.30
C ASP A 186 -32.60 4.04 -8.98
N SER A 187 -31.69 3.30 -8.35
CA SER A 187 -31.11 2.10 -8.99
C SER A 187 -31.05 0.85 -8.14
N SER A 188 -31.54 -0.24 -8.71
CA SER A 188 -31.50 -1.53 -8.06
C SER A 188 -30.09 -2.15 -8.06
N GLU A 189 -29.12 -1.50 -8.71
CA GLU A 189 -27.72 -1.93 -8.67
C GLU A 189 -27.01 -1.29 -7.47
N ASP A 190 -27.69 -0.42 -6.74
CA ASP A 190 -27.10 0.22 -5.60
C ASP A 190 -26.87 -0.86 -4.55
N PRO A 191 -25.63 -1.13 -4.18
CA PRO A 191 -25.46 -2.22 -3.21
C PRO A 191 -25.62 -1.75 -1.76
N TYR A 192 -25.72 -0.44 -1.56
CA TYR A 192 -25.84 0.11 -0.21
C TYR A 192 -27.28 0.23 0.28
N TYR A 193 -28.24 0.18 -0.64
CA TYR A 193 -29.65 0.24 -0.23
C TYR A 193 -29.92 -1.05 0.50
N ASN A 194 -30.54 -0.98 1.64
CA ASN A 194 -30.77 -2.19 2.44
C ASN A 194 -29.49 -2.84 3.00
N SER A 195 -28.37 -2.14 3.00
CA SER A 195 -27.24 -2.64 3.76
C SER A 195 -27.22 -1.75 5.01
N TYR A 196 -26.87 -2.35 6.16
CA TYR A 196 -26.76 -1.67 7.44
C TYR A 196 -25.35 -1.81 8.08
N LEU A 197 -24.83 -0.68 8.51
CA LEU A 197 -23.53 -0.66 9.14
C LEU A 197 -23.44 -1.51 10.40
N HIS A 198 -22.40 -2.35 10.42
CA HIS A 198 -22.05 -3.16 11.56
C HIS A 198 -20.83 -2.52 12.23
N GLY A 199 -21.07 -1.85 13.35
CA GLY A 199 -20.00 -1.19 14.08
C GLY A 199 -20.46 -0.23 15.13
N MSE A 200 -19.50 0.57 15.61
CA MSE A 200 -19.76 1.58 16.62
C MSE A 200 -19.42 2.94 16.05
O MSE A 200 -18.64 3.05 15.10
CB MSE A 200 -18.95 1.28 17.88
CG MSE A 200 -19.32 -0.05 18.53
SE MSE A 200 -18.26 -0.14 20.20
CE MSE A 200 -19.57 -0.31 21.61
N ILE A 201 -20.06 3.97 16.61
CA ILE A 201 -19.88 5.37 16.17
C ILE A 201 -19.88 6.27 17.36
N ASP A 202 -19.07 7.32 17.34
CA ASP A 202 -19.05 8.25 18.47
C ASP A 202 -18.69 9.63 17.94
N ASP A 203 -18.99 10.64 18.74
CA ASP A 203 -18.69 12.03 18.46
C ASP A 203 -18.95 12.41 17.03
N PHE A 204 -20.22 12.28 16.58
CA PHE A 204 -20.55 12.63 15.23
C PHE A 204 -20.70 14.14 15.20
N ARG A 205 -19.96 14.78 14.31
CA ARG A 205 -19.85 16.23 14.27
C ARG A 205 -19.97 16.75 12.88
N ILE A 206 -20.55 17.94 12.81
CA ILE A 206 -20.83 18.60 11.56
C ILE A 206 -20.46 20.05 11.70
N PHE A 207 -19.81 20.59 10.68
CA PHE A 207 -19.39 21.98 10.66
C PHE A 207 -19.80 22.60 9.33
N ASP A 208 -20.10 23.89 9.36
CA ASP A 208 -20.52 24.62 8.14
C ASP A 208 -19.34 25.29 7.40
N ARG A 209 -18.16 24.71 7.54
CA ARG A 209 -16.98 25.13 6.82
C ARG A 209 -16.08 23.92 6.74
N ALA A 210 -15.00 24.06 5.98
CA ALA A 210 -14.06 22.99 5.79
C ALA A 210 -12.88 23.15 6.76
N LEU A 211 -12.73 22.24 7.72
CA LEU A 211 -11.62 22.34 8.64
C LEU A 211 -10.31 22.06 7.87
N SER A 212 -9.20 22.60 8.38
CA SER A 212 -7.88 22.40 7.81
C SER A 212 -7.38 21.06 8.28
N ALA A 213 -6.26 20.60 7.74
CA ALA A 213 -5.75 19.28 8.11
C ALA A 213 -5.38 19.19 9.61
N ASP A 214 -4.64 20.15 10.15
CA ASP A 214 -4.29 20.01 11.58
C ASP A 214 -5.54 20.23 12.47
N GLU A 215 -6.53 20.96 11.96
CA GLU A 215 -7.79 21.04 12.69
C GLU A 215 -8.35 19.62 12.75
N ILE A 216 -8.35 18.94 11.60
CA ILE A 216 -8.78 17.55 11.56
C ILE A 216 -7.96 16.69 12.52
N LYS A 217 -6.62 16.85 12.49
CA LYS A 217 -5.75 16.11 13.39
C LYS A 217 -6.22 16.24 14.83
N THR A 218 -6.46 17.49 15.24
CA THR A 218 -6.86 17.76 16.63
C THR A 218 -8.15 17.00 17.02
N LEU A 219 -9.13 16.88 16.10
CA LEU A 219 -10.31 16.04 16.39
C LEU A 219 -9.91 14.57 16.54
N ALA A 220 -9.03 14.11 15.67
CA ALA A 220 -8.52 12.74 15.72
C ALA A 220 -7.61 12.43 16.95
N SER A 221 -7.45 13.36 17.89
CA SER A 221 -6.65 13.13 19.10
C SER A 221 -7.51 12.48 20.20
CL CL B . 12.09 -19.09 -14.75
NA NA C . 6.01 -17.01 -12.20
#